data_8EUL
#
_entry.id   8EUL
#
_cell.length_a   67.810
_cell.length_b   67.810
_cell.length_c   456.684
_cell.angle_alpha   90.000
_cell.angle_beta   90.000
_cell.angle_gamma   120.000
#
_symmetry.space_group_name_H-M   'P 61 2 2'
#
loop_
_entity.id
_entity.type
_entity.pdbx_description
1 polymer 'Cytochrome P450-terp'
2 non-polymer 'PROTOPORPHYRIN IX CONTAINING FE'
3 non-polymer alpha-TERPINEOL
4 non-polymer 1,2-ETHANEDIOL
5 water water
#
_entity_poly.entity_id   1
_entity_poly.type   'polypeptide(L)'
_entity_poly.pdbx_seq_one_letter_code
;MGSSHHHHHHSSGLVPRGSHMDARATIPEHIARTVILPQGYADDEVIYPAFKWLRDEQPLAMAHIEGYDPMWIATKHADV
MQIGKQPGLFSNAEGSEILYDQNNEAFMRSISGGCPHVIDSLTSMDPPTHTAYRGLTLNWFQPASIRKLEENIRRIAQAS
VQRLLDFDGECDFMTDCALYYPLHVVMTALGVPEDDEPLMLKLTQDFAGVHEPDEQAVAAPRQSADEAARRFHETIATFY
DYFNGFTVDRRSCPKDDVMSLLANSKLDGNYIDDKYINAYYVAIATAGHDTTSSSSGGAIIGLSRNPEQLALAKSDPALI
PRLVDEAVRWTAPVKSFMRTALADTEVRGQNIKRGDRIMLSYPSANRDEEVFSNPDEFDITRFPNRHLGFGWGAHMCLGQ
HLAKLEMKIFFEELLPKLKSVELSGPPRLVATNFVGGPKNVPIRFTKA
;
_entity_poly.pdbx_strand_id   A
#
loop_
_chem_comp.id
_chem_comp.type
_chem_comp.name
_chem_comp.formula
EDO non-polymer 1,2-ETHANEDIOL 'C2 H6 O2'
HEM non-polymer 'PROTOPORPHYRIN IX CONTAINING FE' 'C34 H32 Fe N4 O4'
XGE non-polymer alpha-TERPINEOL 'C10 H18 O'
#
# COMPACT_ATOMS: atom_id res chain seq x y z
N MET A 21 -16.38 -14.68 22.92
CA MET A 21 -16.09 -16.11 22.60
C MET A 21 -14.58 -16.33 22.39
N ASP A 22 -14.21 -17.61 22.30
CA ASP A 22 -12.83 -18.08 22.08
C ASP A 22 -11.93 -17.92 23.30
N ALA A 23 -11.61 -19.07 23.93
CA ALA A 23 -10.86 -19.13 25.18
C ALA A 23 -9.35 -18.92 25.00
N ARG A 24 -8.86 -18.96 23.75
CA ARG A 24 -7.43 -18.85 23.41
C ARG A 24 -6.98 -17.38 23.35
N ALA A 25 -7.92 -16.44 23.23
CA ALA A 25 -7.59 -15.01 23.15
C ALA A 25 -7.02 -14.52 24.48
N THR A 26 -5.77 -14.01 24.43
CA THR A 26 -5.07 -13.49 25.62
C THR A 26 -4.76 -11.99 25.57
N ILE A 27 -4.87 -11.37 24.40
CA ILE A 27 -4.58 -9.94 24.24
C ILE A 27 -5.68 -9.14 24.94
N PRO A 28 -5.32 -8.29 25.94
CA PRO A 28 -6.32 -7.47 26.63
C PRO A 28 -7.20 -6.68 25.66
N GLU A 29 -8.50 -6.55 25.99
CA GLU A 29 -9.50 -5.95 25.12
C GLU A 29 -9.09 -4.57 24.61
N HIS A 30 -8.64 -3.70 25.52
CA HIS A 30 -8.27 -2.33 25.16
C HIS A 30 -7.10 -2.29 24.17
N ILE A 31 -6.11 -3.18 24.35
CA ILE A 31 -4.99 -3.31 23.42
C ILE A 31 -5.48 -3.81 22.05
N ALA A 32 -6.28 -4.88 22.06
CA ALA A 32 -6.79 -5.50 20.84
C ALA A 32 -7.59 -4.51 20.02
N ARG A 33 -8.49 -3.77 20.69
CA ARG A 33 -9.35 -2.74 20.06
C ARG A 33 -8.47 -1.68 19.38
N THR A 34 -7.38 -1.26 20.03
CA THR A 34 -6.49 -0.24 19.49
C THR A 34 -5.83 -0.66 18.18
N VAL A 35 -5.35 -1.91 18.12
CA VAL A 35 -4.59 -2.41 16.97
C VAL A 35 -5.46 -2.94 15.82
N ILE A 36 -6.71 -3.35 16.14
CA ILE A 36 -7.62 -3.90 15.14
C ILE A 36 -8.50 -2.84 14.50
N LEU A 37 -9.08 -1.95 15.32
CA LEU A 37 -10.06 -0.97 14.83
C LEU A 37 -9.40 0.13 14.00
N PRO A 38 -10.14 0.73 13.04
CA PRO A 38 -9.61 1.79 12.18
C PRO A 38 -9.15 3.09 12.89
N GLN A 39 -9.89 3.55 13.89
CA GLN A 39 -9.72 4.91 14.43
C GLN A 39 -8.32 5.19 14.94
N GLY A 40 -7.76 4.23 15.69
CA GLY A 40 -6.44 4.36 16.28
C GLY A 40 -5.32 4.77 15.34
N TYR A 41 -5.43 4.39 14.06
CA TYR A 41 -4.40 4.61 13.02
C TYR A 41 -4.37 6.09 12.58
N ALA A 42 -5.35 6.88 12.99
CA ALA A 42 -5.34 8.32 12.75
C ALA A 42 -4.33 9.06 13.65
N ASP A 43 -3.71 8.34 14.59
CA ASP A 43 -2.77 8.92 15.56
C ASP A 43 -1.63 7.96 15.90
N ASP A 44 -0.41 8.31 15.46
CA ASP A 44 0.82 7.58 15.77
C ASP A 44 0.99 7.22 17.26
N GLU A 45 0.60 8.15 18.14
CA GLU A 45 0.75 7.99 19.59
C GLU A 45 -0.30 7.10 20.26
N VAL A 46 -1.35 6.72 19.51
CA VAL A 46 -2.31 5.73 19.96
C VAL A 46 -1.84 4.34 19.56
N ILE A 47 -1.53 4.18 18.27
CA ILE A 47 -1.29 2.86 17.68
C ILE A 47 0.07 2.23 18.07
N TYR A 48 1.16 2.99 17.96
CA TYR A 48 2.55 2.45 18.08
C TYR A 48 2.82 1.98 19.50
N PRO A 49 2.41 2.70 20.57
CA PRO A 49 2.57 2.18 21.93
C PRO A 49 1.83 0.86 22.18
N ALA A 50 0.68 0.66 21.53
CA ALA A 50 -0.08 -0.59 21.64
C ALA A 50 0.71 -1.77 21.06
N PHE A 51 1.33 -1.57 19.89
CA PHE A 51 2.17 -2.60 19.26
C PHE A 51 3.48 -2.83 20.02
N LYS A 52 3.96 -1.79 20.69
CA LYS A 52 5.18 -1.90 21.48
C LYS A 52 4.95 -2.79 22.69
N TRP A 53 3.76 -2.68 23.30
CA TRP A 53 3.38 -3.55 24.41
C TRP A 53 3.28 -5.02 23.93
N LEU A 54 2.63 -5.24 22.78
CA LEU A 54 2.50 -6.57 22.18
C LEU A 54 3.85 -7.20 21.92
N ARG A 55 4.75 -6.44 21.26
CA ARG A 55 6.13 -6.90 20.93
C ARG A 55 6.86 -7.30 22.22
N ASP A 56 6.75 -6.50 23.29
CA ASP A 56 7.40 -6.80 24.56
C ASP A 56 6.77 -7.98 25.32
N GLU A 57 5.44 -8.04 25.34
CA GLU A 57 4.70 -8.91 26.27
C GLU A 57 3.97 -10.10 25.61
N GLN A 58 3.40 -9.88 24.43
CA GLN A 58 2.66 -10.91 23.70
C GLN A 58 2.91 -10.79 22.20
N PRO A 59 4.16 -11.10 21.75
CA PRO A 59 4.58 -10.82 20.38
C PRO A 59 3.65 -11.43 19.32
N LEU A 60 3.18 -12.66 19.54
CA LEU A 60 2.26 -13.35 18.64
C LEU A 60 1.22 -14.05 19.50
N ALA A 61 0.05 -13.42 19.60
CA ALA A 61 -1.02 -13.86 20.47
C ALA A 61 -2.36 -13.64 19.79
N MET A 62 -3.42 -14.20 20.38
CA MET A 62 -4.74 -14.12 19.81
C MET A 62 -5.57 -13.02 20.47
N ALA A 63 -6.25 -12.24 19.62
CA ALA A 63 -7.23 -11.26 20.04
C ALA A 63 -8.59 -11.68 19.52
N HIS A 64 -9.64 -11.43 20.31
CA HIS A 64 -11.01 -11.57 19.87
C HIS A 64 -11.84 -10.44 20.46
N ILE A 65 -12.28 -9.52 19.59
CA ILE A 65 -13.14 -8.41 19.98
C ILE A 65 -14.46 -8.47 19.24
N GLU A 66 -15.47 -7.79 19.80
CA GLU A 66 -16.82 -7.78 19.25
C GLU A 66 -16.83 -7.28 17.81
N GLY A 67 -17.56 -8.01 16.95
CA GLY A 67 -17.72 -7.66 15.54
C GLY A 67 -16.68 -8.23 14.60
N TYR A 68 -15.64 -8.87 15.16
CA TYR A 68 -14.48 -9.43 14.42
C TYR A 68 -14.29 -10.91 14.76
N ASP A 69 -13.74 -11.65 13.80
CA ASP A 69 -13.30 -13.02 14.02
C ASP A 69 -12.10 -12.99 14.95
N PRO A 70 -11.84 -14.08 15.73
CA PRO A 70 -10.60 -14.20 16.47
C PRO A 70 -9.42 -14.21 15.48
N MET A 71 -8.28 -13.62 15.86
CA MET A 71 -7.11 -13.54 15.00
C MET A 71 -5.82 -13.43 15.78
N TRP A 72 -4.78 -14.10 15.28
CA TRP A 72 -3.42 -13.90 15.76
C TRP A 72 -2.93 -12.57 15.20
N ILE A 73 -2.12 -11.86 15.99
CA ILE A 73 -1.57 -10.58 15.57
C ILE A 73 -0.06 -10.69 15.54
N ALA A 74 0.50 -10.73 14.32
CA ALA A 74 1.93 -10.83 14.09
C ALA A 74 2.55 -9.44 14.15
N THR A 75 3.24 -9.16 15.26
CA THR A 75 3.81 -7.86 15.55
C THR A 75 5.33 -7.79 15.32
N LYS A 76 5.96 -8.95 15.14
CA LYS A 76 7.41 -9.04 15.03
C LYS A 76 7.88 -9.17 13.59
N HIS A 77 8.95 -8.42 13.26
CA HIS A 77 9.59 -8.45 11.94
C HIS A 77 9.83 -9.89 11.45
N ALA A 78 10.46 -10.71 12.28
CA ALA A 78 10.77 -12.10 11.95
C ALA A 78 9.52 -12.91 11.60
N ASP A 79 8.44 -12.72 12.38
CA ASP A 79 7.21 -13.47 12.20
C ASP A 79 6.46 -13.09 10.92
N VAL A 80 6.44 -11.79 10.60
CA VAL A 80 5.77 -11.28 9.40
C VAL A 80 6.43 -11.85 8.14
N MET A 81 7.77 -11.87 8.12
CA MET A 81 8.54 -12.48 7.03
C MET A 81 8.26 -13.98 6.90
N GLN A 82 8.37 -14.71 8.01
CA GLN A 82 8.19 -16.16 8.06
C GLN A 82 6.82 -16.58 7.52
N ILE A 83 5.78 -15.84 7.90
CA ILE A 83 4.42 -16.10 7.44
C ILE A 83 4.27 -15.76 5.96
N GLY A 84 4.71 -14.56 5.57
CA GLY A 84 4.70 -14.11 4.18
C GLY A 84 5.40 -15.03 3.19
N LYS A 85 6.48 -15.68 3.65
CA LYS A 85 7.28 -16.65 2.90
C LYS A 85 6.54 -17.90 2.46
N GLN A 86 5.49 -18.27 3.21
CA GLN A 86 4.87 -19.59 3.11
C GLN A 86 3.39 -19.51 2.73
N PRO A 87 3.08 -19.18 1.45
CA PRO A 87 1.69 -19.04 1.01
C PRO A 87 0.94 -20.39 0.98
N GLY A 88 1.66 -21.51 0.86
CA GLY A 88 1.08 -22.84 0.97
C GLY A 88 0.47 -23.10 2.34
N LEU A 89 1.08 -22.51 3.37
CA LEU A 89 0.68 -22.69 4.75
C LEU A 89 -0.21 -21.54 5.25
N PHE A 90 0.08 -20.32 4.78
CA PHE A 90 -0.63 -19.11 5.19
C PHE A 90 -1.22 -18.41 3.97
N SER A 91 -2.54 -18.59 3.80
CA SER A 91 -3.25 -18.34 2.55
C SER A 91 -3.79 -16.92 2.45
N ASN A 92 -3.74 -16.37 1.23
CA ASN A 92 -4.45 -15.14 0.86
C ASN A 92 -5.88 -15.41 0.37
N ALA A 93 -6.07 -16.58 -0.27
CA ALA A 93 -7.32 -16.91 -0.95
C ALA A 93 -8.44 -17.44 -0.04
N GLU A 94 -8.08 -18.22 0.99
CA GLU A 94 -9.06 -18.96 1.80
C GLU A 94 -10.02 -18.04 2.58
N GLY A 95 -9.49 -16.92 3.07
CA GLY A 95 -10.28 -15.90 3.73
C GLY A 95 -10.11 -14.59 3.02
N SER A 96 -10.65 -13.52 3.62
CA SER A 96 -10.39 -12.16 3.19
C SER A 96 -8.95 -11.82 3.55
N GLU A 97 -8.17 -11.37 2.55
CA GLU A 97 -6.83 -10.85 2.79
C GLU A 97 -6.86 -9.43 3.39
N ILE A 98 -8.05 -8.80 3.36
CA ILE A 98 -8.28 -7.49 3.96
C ILE A 98 -9.04 -7.63 5.28
N LEU A 99 -8.65 -6.79 6.26
CA LEU A 99 -9.19 -6.87 7.61
C LEU A 99 -10.52 -6.13 7.71
N TYR A 100 -11.60 -6.82 7.35
CA TYR A 100 -13.00 -6.36 7.51
C TYR A 100 -13.55 -6.90 8.83
N ASP A 101 -14.52 -6.20 9.42
CA ASP A 101 -15.32 -6.77 10.50
C ASP A 101 -16.32 -7.74 9.87
N GLN A 102 -17.02 -8.50 10.72
CA GLN A 102 -17.89 -9.58 10.26
C GLN A 102 -19.03 -9.11 9.36
N ASN A 103 -19.62 -7.95 9.69
CA ASN A 103 -20.67 -7.32 8.89
C ASN A 103 -20.23 -6.99 7.47
N ASN A 104 -19.11 -6.27 7.36
CA ASN A 104 -18.57 -5.86 6.05
C ASN A 104 -18.12 -7.05 5.20
N GLU A 105 -17.55 -8.07 5.84
CA GLU A 105 -17.17 -9.29 5.13
C GLU A 105 -18.40 -10.03 4.61
N ALA A 106 -19.46 -10.07 5.42
CA ALA A 106 -20.73 -10.67 5.02
C ALA A 106 -21.26 -9.96 3.78
N PHE A 107 -21.21 -8.63 3.82
CA PHE A 107 -21.63 -7.79 2.69
C PHE A 107 -20.82 -8.05 1.44
N MET A 108 -19.49 -8.20 1.60
CA MET A 108 -18.58 -8.50 0.49
C MET A 108 -18.94 -9.82 -0.17
N ARG A 109 -19.11 -10.86 0.65
CA ARG A 109 -19.44 -12.26 0.22
C ARG A 109 -20.74 -12.26 -0.60
N SER A 110 -21.79 -11.63 -0.08
CA SER A 110 -23.11 -11.59 -0.72
C SER A 110 -23.04 -10.89 -2.09
N ILE A 111 -22.16 -9.88 -2.19
CA ILE A 111 -21.90 -9.16 -3.42
C ILE A 111 -21.09 -9.97 -4.42
N SER A 112 -20.12 -10.75 -3.93
CA SER A 112 -19.11 -11.42 -4.75
C SER A 112 -19.37 -12.91 -4.96
N GLY A 113 -20.66 -13.29 -4.99
CA GLY A 113 -21.07 -14.67 -5.21
C GLY A 113 -20.53 -15.67 -4.20
N GLY A 114 -20.36 -15.23 -2.95
CA GLY A 114 -19.98 -16.10 -1.86
C GLY A 114 -18.54 -15.97 -1.35
N CYS A 115 -17.60 -15.67 -2.25
CA CYS A 115 -16.17 -15.66 -1.90
C CYS A 115 -15.76 -14.33 -1.26
N PRO A 116 -14.74 -14.33 -0.38
CA PRO A 116 -14.37 -13.14 0.39
C PRO A 116 -13.42 -12.19 -0.36
N HIS A 117 -13.68 -11.97 -1.65
CA HIS A 117 -12.86 -11.13 -2.51
C HIS A 117 -13.75 -10.39 -3.50
N VAL A 118 -13.62 -9.07 -3.50
CA VAL A 118 -14.42 -8.17 -4.32
C VAL A 118 -14.10 -8.38 -5.80
N ILE A 119 -12.80 -8.39 -6.12
CA ILE A 119 -12.30 -8.63 -7.47
C ILE A 119 -11.24 -9.74 -7.48
N ASP A 120 -10.92 -10.23 -8.68
CA ASP A 120 -9.97 -11.31 -8.90
C ASP A 120 -8.55 -10.79 -9.12
N SER A 121 -8.06 -10.01 -8.15
CA SER A 121 -6.72 -9.44 -8.17
C SER A 121 -5.70 -10.42 -7.59
N LEU A 122 -4.42 -10.08 -7.72
CA LEU A 122 -3.32 -10.90 -7.25
C LEU A 122 -3.38 -11.22 -5.74
N THR A 123 -3.79 -10.24 -4.92
CA THR A 123 -3.85 -10.41 -3.47
C THR A 123 -4.97 -11.38 -3.03
N SER A 124 -5.89 -11.71 -3.94
CA SER A 124 -6.93 -12.72 -3.70
C SER A 124 -6.51 -14.15 -4.06
N MET A 125 -5.31 -14.31 -4.64
CA MET A 125 -4.86 -15.57 -5.22
C MET A 125 -3.81 -16.31 -4.36
N ASP A 126 -3.83 -17.65 -4.45
CA ASP A 126 -2.79 -18.52 -3.91
C ASP A 126 -2.09 -19.23 -5.06
N PRO A 127 -0.81 -19.65 -4.90
CA PRO A 127 -0.14 -20.50 -5.88
C PRO A 127 -0.92 -21.79 -6.14
N PRO A 128 -0.82 -22.40 -7.35
CA PRO A 128 0.01 -21.88 -8.45
C PRO A 128 -0.64 -20.75 -9.30
N THR A 129 -1.96 -20.55 -9.14
CA THR A 129 -2.72 -19.52 -9.85
C THR A 129 -2.03 -18.16 -9.72
N HIS A 130 -1.77 -17.76 -8.47
CA HIS A 130 -1.08 -16.51 -8.17
C HIS A 130 0.24 -16.38 -8.94
N THR A 131 1.06 -17.44 -8.89
CA THR A 131 2.35 -17.47 -9.57
C THR A 131 2.21 -17.19 -11.07
N ALA A 132 1.19 -17.79 -11.70
CA ALA A 132 0.93 -17.64 -13.13
C ALA A 132 0.57 -16.19 -13.49
N TYR A 133 -0.39 -15.61 -12.76
CA TYR A 133 -0.92 -14.25 -13.03
C TYR A 133 0.12 -13.20 -12.66
N ARG A 134 0.81 -13.36 -11.54
CA ARG A 134 1.93 -12.44 -11.14
C ARG A 134 3.02 -12.51 -12.21
N GLY A 135 3.32 -13.72 -12.71
CA GLY A 135 4.35 -13.94 -13.73
C GLY A 135 4.17 -13.16 -15.03
N LEU A 136 2.89 -12.85 -15.35
CA LEU A 136 2.54 -12.11 -16.56
C LEU A 136 3.17 -10.71 -16.64
N THR A 137 3.36 -10.07 -15.47
CA THR A 137 3.88 -8.70 -15.42
C THR A 137 5.16 -8.54 -14.63
N LEU A 138 5.60 -9.62 -13.96
CA LEU A 138 6.73 -9.57 -13.02
C LEU A 138 7.98 -8.92 -13.63
N ASN A 139 8.35 -9.33 -14.85
CA ASN A 139 9.54 -8.81 -15.54
C ASN A 139 9.43 -7.33 -15.84
N TRP A 140 8.24 -6.90 -16.30
CA TRP A 140 7.96 -5.51 -16.63
C TRP A 140 8.20 -4.57 -15.45
N PHE A 141 7.93 -5.06 -14.23
CA PHE A 141 8.08 -4.27 -13.00
C PHE A 141 9.45 -4.36 -12.34
N GLN A 142 10.39 -5.06 -13.00
CA GLN A 142 11.78 -5.13 -12.52
C GLN A 142 12.51 -3.82 -12.86
N PRO A 143 13.56 -3.45 -12.08
CA PRO A 143 14.26 -2.17 -12.26
C PRO A 143 14.72 -1.85 -13.70
N ALA A 144 15.31 -2.81 -14.40
CA ALA A 144 15.84 -2.59 -15.74
C ALA A 144 14.74 -2.15 -16.72
N SER A 145 13.57 -2.79 -16.62
CA SER A 145 12.39 -2.43 -17.39
C SER A 145 11.85 -1.05 -16.95
N ILE A 146 11.58 -0.90 -15.65
CA ILE A 146 11.07 0.33 -15.06
C ILE A 146 11.91 1.57 -15.43
N ARG A 147 13.22 1.38 -15.55
CA ARG A 147 14.23 2.44 -15.86
C ARG A 147 13.86 3.19 -17.15
N LYS A 148 13.19 2.52 -18.10
CA LYS A 148 12.80 3.13 -19.36
C LYS A 148 11.73 4.22 -19.22
N LEU A 149 11.03 4.21 -18.08
CA LEU A 149 10.03 5.23 -17.74
C LEU A 149 10.63 6.51 -17.14
N GLU A 150 11.94 6.50 -16.87
CA GLU A 150 12.61 7.58 -16.16
C GLU A 150 12.25 8.97 -16.71
N GLU A 151 12.35 9.14 -18.03
CA GLU A 151 12.13 10.43 -18.68
C GLU A 151 10.69 10.92 -18.49
N ASN A 152 9.72 10.03 -18.68
CA ASN A 152 8.31 10.33 -18.43
C ASN A 152 8.03 10.66 -16.97
N ILE A 153 8.64 9.88 -16.06
CA ILE A 153 8.47 10.10 -14.62
C ILE A 153 9.05 11.44 -14.18
N ARG A 154 10.23 11.77 -14.72
CA ARG A 154 10.94 13.06 -14.52
C ARG A 154 10.01 14.23 -14.88
N ARG A 155 9.43 14.18 -16.09
CA ARG A 155 8.46 15.17 -16.62
C ARG A 155 7.27 15.29 -15.65
N ILE A 156 6.70 14.15 -15.25
CA ILE A 156 5.56 14.09 -14.34
C ILE A 156 5.92 14.68 -12.96
N ALA A 157 7.09 14.29 -12.43
CA ALA A 157 7.59 14.79 -11.15
C ALA A 157 7.72 16.32 -11.15
N GLN A 158 8.37 16.86 -12.20
CA GLN A 158 8.56 18.29 -12.39
C GLN A 158 7.26 19.08 -12.43
N ALA A 159 6.24 18.52 -13.10
CA ALA A 159 4.91 19.13 -13.16
C ALA A 159 4.30 19.27 -11.75
N SER A 160 4.46 18.25 -10.91
CA SER A 160 3.98 18.28 -9.53
C SER A 160 4.77 19.24 -8.65
N VAL A 161 6.09 19.27 -8.84
CA VAL A 161 6.95 20.23 -8.16
C VAL A 161 6.54 21.65 -8.55
N GLN A 162 6.25 21.85 -9.84
CA GLN A 162 5.87 23.17 -10.35
C GLN A 162 4.57 23.70 -9.74
N ARG A 163 3.57 22.81 -9.57
CA ARG A 163 2.23 23.20 -9.03
C ARG A 163 2.35 23.45 -7.52
N LEU A 164 3.36 22.87 -6.86
CA LEU A 164 3.70 23.23 -5.47
C LEU A 164 4.34 24.63 -5.39
N LEU A 165 5.29 24.92 -6.28
CA LEU A 165 6.00 26.20 -6.33
C LEU A 165 5.12 27.37 -6.78
N ASP A 166 4.03 27.08 -7.49
CA ASP A 166 3.02 28.08 -7.85
C ASP A 166 2.32 28.69 -6.63
N PHE A 167 2.37 28.01 -5.49
CA PHE A 167 1.89 28.56 -4.23
C PHE A 167 2.96 29.47 -3.63
N ASP A 168 2.53 30.53 -2.94
CA ASP A 168 3.42 31.54 -2.39
C ASP A 168 3.97 31.12 -1.02
N GLY A 169 4.58 29.93 -0.96
CA GLY A 169 5.22 29.43 0.24
C GLY A 169 4.33 28.69 1.23
N GLU A 170 3.08 28.42 0.85
CA GLU A 170 2.13 27.75 1.71
C GLU A 170 1.16 26.88 0.90
N CYS A 171 0.97 25.63 1.32
CA CYS A 171 0.00 24.72 0.74
C CYS A 171 -0.14 23.46 1.59
N ASP A 172 -1.06 22.58 1.19
CA ASP A 172 -1.18 21.23 1.72
C ASP A 172 -0.42 20.33 0.75
N PHE A 173 0.69 19.77 1.23
CA PHE A 173 1.58 18.98 0.40
C PHE A 173 0.87 17.79 -0.27
N MET A 174 -0.10 17.19 0.42
CA MET A 174 -0.86 16.08 -0.13
C MET A 174 -1.83 16.53 -1.20
N THR A 175 -2.83 17.32 -0.83
CA THR A 175 -3.92 17.66 -1.73
C THR A 175 -3.47 18.55 -2.91
N ASP A 176 -2.41 19.34 -2.72
CA ASP A 176 -1.93 20.25 -3.76
C ASP A 176 -0.72 19.76 -4.58
N CYS A 177 -0.21 18.56 -4.27
CA CYS A 177 1.00 18.05 -4.93
C CYS A 177 1.12 16.52 -5.02
N ALA A 178 1.28 15.87 -3.86
CA ALA A 178 1.59 14.44 -3.79
C ALA A 178 0.44 13.51 -4.20
N LEU A 179 -0.79 14.04 -4.20
CA LEU A 179 -1.97 13.33 -4.69
C LEU A 179 -1.84 12.96 -6.17
N TYR A 180 -1.15 13.80 -6.94
CA TYR A 180 -1.19 13.83 -8.43
C TYR A 180 -0.09 12.95 -9.04
N TYR A 181 1.18 13.16 -8.70
CA TYR A 181 2.33 12.58 -9.43
C TYR A 181 2.23 11.05 -9.44
N PRO A 182 1.96 10.36 -8.31
CA PRO A 182 1.91 8.89 -8.30
C PRO A 182 0.77 8.31 -9.16
N LEU A 183 -0.35 9.04 -9.25
CA LEU A 183 -1.45 8.64 -10.12
C LEU A 183 -1.07 8.76 -11.59
N HIS A 184 -0.40 9.84 -11.94
CA HIS A 184 0.05 10.07 -13.31
C HIS A 184 1.09 9.05 -13.74
N VAL A 185 1.97 8.67 -12.81
CA VAL A 185 2.99 7.65 -13.06
C VAL A 185 2.30 6.32 -13.36
N VAL A 186 1.35 5.93 -12.51
CA VAL A 186 0.64 4.66 -12.65
C VAL A 186 -0.21 4.65 -13.93
N MET A 187 -0.77 5.82 -14.29
CA MET A 187 -1.46 6.02 -15.56
C MET A 187 -0.53 5.82 -16.75
N THR A 188 0.69 6.38 -16.67
CA THR A 188 1.69 6.23 -17.72
C THR A 188 2.13 4.77 -17.86
N ALA A 189 2.30 4.08 -16.73
CA ALA A 189 2.68 2.67 -16.71
C ALA A 189 1.62 1.78 -17.36
N LEU A 190 0.35 2.04 -17.02
CA LEU A 190 -0.79 1.32 -17.60
C LEU A 190 -0.99 1.63 -19.07
N GLY A 191 -0.96 2.93 -19.41
CA GLY A 191 -1.25 3.43 -20.75
C GLY A 191 -2.55 4.22 -20.84
N VAL A 192 -3.02 4.74 -19.70
CA VAL A 192 -4.20 5.59 -19.63
C VAL A 192 -3.81 7.03 -19.95
N PRO A 193 -4.50 7.70 -20.90
CA PRO A 193 -4.10 9.05 -21.32
C PRO A 193 -4.34 10.09 -20.23
N GLU A 194 -3.57 11.18 -20.28
CA GLU A 194 -3.56 12.24 -19.28
C GLU A 194 -4.97 12.76 -18.98
N ASP A 195 -5.78 12.93 -20.03
CA ASP A 195 -7.14 13.49 -19.94
C ASP A 195 -8.14 12.66 -19.11
N ASP A 196 -7.80 11.40 -18.81
CA ASP A 196 -8.64 10.52 -18.01
C ASP A 196 -8.38 10.60 -16.49
N GLU A 197 -7.54 11.56 -16.08
CA GLU A 197 -7.24 11.82 -14.66
C GLU A 197 -8.50 11.87 -13.78
N PRO A 198 -9.55 12.63 -14.16
CA PRO A 198 -10.78 12.67 -13.36
C PRO A 198 -11.35 11.28 -13.07
N LEU A 199 -11.37 10.41 -14.08
CA LEU A 199 -11.93 9.07 -13.95
C LEU A 199 -11.08 8.19 -13.05
N MET A 200 -9.76 8.28 -13.20
CA MET A 200 -8.82 7.53 -12.38
C MET A 200 -8.88 7.97 -10.92
N LEU A 201 -9.07 9.28 -10.69
CA LEU A 201 -9.26 9.81 -9.35
C LEU A 201 -10.52 9.24 -8.71
N LYS A 202 -11.60 9.16 -9.49
CA LYS A 202 -12.83 8.50 -9.04
C LYS A 202 -12.58 7.04 -8.66
N LEU A 203 -11.75 6.35 -9.44
CA LEU A 203 -11.40 4.97 -9.19
C LEU A 203 -10.72 4.82 -7.82
N THR A 204 -9.64 5.56 -7.61
CA THR A 204 -8.80 5.39 -6.42
C THR A 204 -9.34 6.11 -5.17
N GLN A 205 -9.95 7.29 -5.36
CA GLN A 205 -10.38 8.13 -4.24
C GLN A 205 -11.84 7.92 -3.83
N ASP A 206 -12.74 7.87 -4.83
CA ASP A 206 -14.18 7.69 -4.58
C ASP A 206 -14.50 6.21 -4.36
N PHE A 207 -14.45 5.43 -5.43
CA PHE A 207 -14.91 4.04 -5.44
C PHE A 207 -14.12 3.14 -4.48
N ALA A 208 -12.78 3.20 -4.56
CA ALA A 208 -11.90 2.38 -3.73
C ALA A 208 -11.43 3.07 -2.42
N GLY A 209 -11.95 4.28 -2.15
CA GLY A 209 -11.61 5.03 -0.94
C GLY A 209 -12.28 4.50 0.31
N VAL A 210 -11.84 4.99 1.48
CA VAL A 210 -12.30 4.50 2.78
C VAL A 210 -13.63 5.14 3.18
N SER A 224 -28.88 2.19 2.45
CA SER A 224 -29.29 0.83 2.79
C SER A 224 -28.31 -0.20 2.24
N ALA A 225 -28.68 -1.49 2.33
CA ALA A 225 -27.83 -2.62 1.95
C ALA A 225 -27.97 -2.99 0.48
N ASP A 226 -29.21 -3.25 0.04
CA ASP A 226 -29.51 -3.61 -1.35
C ASP A 226 -29.17 -2.50 -2.34
N GLU A 227 -29.31 -1.24 -1.89
CA GLU A 227 -29.01 -0.07 -2.70
C GLU A 227 -27.50 0.06 -2.92
N ALA A 228 -26.71 -0.19 -1.87
CA ALA A 228 -25.26 -0.15 -1.93
C ALA A 228 -24.68 -1.25 -2.83
N ALA A 229 -25.34 -2.42 -2.83
CA ALA A 229 -24.97 -3.56 -3.67
C ALA A 229 -25.16 -3.27 -5.17
N ARG A 230 -26.24 -2.55 -5.50
CA ARG A 230 -26.58 -2.13 -6.90
C ARG A 230 -25.53 -1.11 -7.39
N ARG A 231 -25.31 -0.05 -6.60
CA ARG A 231 -24.31 1.01 -6.89
C ARG A 231 -22.92 0.39 -7.12
N PHE A 232 -22.59 -0.66 -6.36
CA PHE A 232 -21.30 -1.30 -6.46
C PHE A 232 -21.13 -2.02 -7.81
N HIS A 233 -22.03 -2.95 -8.11
CA HIS A 233 -22.00 -3.72 -9.35
C HIS A 233 -22.05 -2.81 -10.56
N GLU A 234 -22.84 -1.74 -10.47
CA GLU A 234 -22.95 -0.74 -11.51
C GLU A 234 -21.63 -0.01 -11.73
N THR A 235 -21.02 0.44 -10.64
CA THR A 235 -19.77 1.21 -10.69
C THR A 235 -18.62 0.38 -11.28
N ILE A 236 -18.45 -0.84 -10.78
CA ILE A 236 -17.40 -1.73 -11.23
C ILE A 236 -17.57 -2.13 -12.71
N ALA A 237 -18.83 -2.29 -13.13
CA ALA A 237 -19.17 -2.57 -14.53
C ALA A 237 -18.75 -1.42 -15.45
N THR A 238 -18.95 -0.18 -15.00
CA THR A 238 -18.57 1.02 -15.74
C THR A 238 -17.05 1.10 -15.95
N PHE A 239 -16.30 0.80 -14.89
CA PHE A 239 -14.85 0.83 -14.95
C PHE A 239 -14.30 -0.29 -15.84
N TYR A 240 -14.91 -1.47 -15.76
CA TYR A 240 -14.50 -2.68 -16.52
C TYR A 240 -14.78 -2.44 -18.01
N ASP A 241 -15.92 -1.84 -18.35
CA ASP A 241 -16.24 -1.48 -19.73
C ASP A 241 -15.20 -0.51 -20.31
N TYR A 242 -14.80 0.46 -19.49
CA TYR A 242 -13.75 1.46 -19.82
C TYR A 242 -12.42 0.73 -20.09
N PHE A 243 -12.02 -0.16 -19.19
CA PHE A 243 -10.76 -0.88 -19.32
C PHE A 243 -10.73 -1.86 -20.50
N ASN A 244 -11.87 -2.51 -20.77
CA ASN A 244 -12.01 -3.43 -21.90
C ASN A 244 -11.73 -2.75 -23.23
N GLY A 245 -12.08 -1.46 -23.32
CA GLY A 245 -11.76 -0.63 -24.48
C GLY A 245 -10.27 -0.62 -24.77
N PHE A 246 -9.44 -0.51 -23.72
CA PHE A 246 -7.99 -0.52 -23.85
C PHE A 246 -7.44 -1.90 -24.22
N THR A 247 -7.95 -2.93 -23.56
CA THR A 247 -7.59 -4.32 -23.84
C THR A 247 -7.79 -4.62 -25.32
N VAL A 248 -8.95 -4.23 -25.86
CA VAL A 248 -9.27 -4.40 -27.28
C VAL A 248 -8.32 -3.62 -28.18
N ASP A 249 -8.07 -2.36 -27.82
CA ASP A 249 -7.19 -1.48 -28.57
C ASP A 249 -5.77 -2.04 -28.74
N ARG A 250 -5.21 -2.56 -27.63
CA ARG A 250 -3.79 -3.00 -27.55
C ARG A 250 -3.59 -4.33 -28.28
N ARG A 251 -4.65 -5.08 -28.53
CA ARG A 251 -4.61 -6.35 -29.33
C ARG A 251 -4.47 -6.01 -30.82
N SER A 252 -4.84 -4.79 -31.24
CA SER A 252 -4.63 -4.33 -32.60
C SER A 252 -3.45 -3.36 -32.74
N CYS A 253 -3.25 -2.51 -31.72
CA CYS A 253 -2.22 -1.48 -31.71
C CYS A 253 -1.40 -1.57 -30.43
N PRO A 254 -0.41 -2.50 -30.36
CA PRO A 254 0.35 -2.71 -29.14
C PRO A 254 1.27 -1.53 -28.78
N LYS A 255 1.57 -1.36 -27.49
CA LYS A 255 2.49 -0.35 -26.98
C LYS A 255 3.37 -1.01 -25.93
N ASP A 256 4.30 -0.24 -25.35
CA ASP A 256 5.21 -0.74 -24.31
C ASP A 256 4.65 -0.66 -22.88
N ASP A 257 3.35 -0.41 -22.75
CA ASP A 257 2.69 -0.29 -21.44
C ASP A 257 2.11 -1.61 -20.92
N VAL A 258 1.62 -1.59 -19.69
CA VAL A 258 1.15 -2.79 -18.99
C VAL A 258 -0.18 -3.33 -19.54
N MET A 259 -1.05 -2.42 -20.00
CA MET A 259 -2.30 -2.81 -20.61
C MET A 259 -2.03 -3.66 -21.84
N SER A 260 -1.07 -3.21 -22.66
CA SER A 260 -0.65 -3.92 -23.85
C SER A 260 -0.03 -5.27 -23.52
N LEU A 261 0.73 -5.32 -22.42
CA LEU A 261 1.36 -6.56 -21.95
C LEU A 261 0.30 -7.57 -21.56
N LEU A 262 -0.67 -7.13 -20.74
CA LEU A 262 -1.76 -7.99 -20.29
C LEU A 262 -2.76 -8.37 -21.40
N ALA A 263 -3.10 -7.40 -22.26
CA ALA A 263 -4.05 -7.64 -23.36
C ALA A 263 -3.54 -8.73 -24.31
N ASN A 264 -2.23 -8.79 -24.47
CA ASN A 264 -1.58 -9.72 -25.40
C ASN A 264 -0.96 -10.96 -24.75
N SER A 265 -1.10 -11.07 -23.43
CA SER A 265 -0.65 -12.24 -22.68
C SER A 265 -1.57 -13.42 -22.96
N LYS A 266 -1.00 -14.63 -22.89
CA LYS A 266 -1.76 -15.87 -23.01
C LYS A 266 -1.35 -16.88 -21.94
N LEU A 267 -2.31 -17.75 -21.58
CA LEU A 267 -2.08 -18.88 -20.71
C LEU A 267 -2.85 -20.06 -21.30
N ASP A 268 -2.13 -21.16 -21.56
CA ASP A 268 -2.65 -22.34 -22.24
C ASP A 268 -3.19 -21.98 -23.63
N GLY A 269 -2.45 -21.13 -24.36
CA GLY A 269 -2.78 -20.72 -25.70
C GLY A 269 -3.99 -19.81 -25.86
N ASN A 270 -4.52 -19.30 -24.75
CA ASN A 270 -5.70 -18.44 -24.75
C ASN A 270 -5.44 -17.15 -24.02
N TYR A 271 -6.12 -16.09 -24.46
CA TYR A 271 -6.17 -14.78 -23.76
C TYR A 271 -6.65 -14.99 -22.31
N ILE A 272 -6.16 -14.16 -21.40
CA ILE A 272 -6.60 -14.15 -20.03
C ILE A 272 -8.03 -13.57 -20.00
N ASP A 273 -8.89 -14.20 -19.19
CA ASP A 273 -10.27 -13.75 -18.99
C ASP A 273 -10.28 -12.27 -18.53
N ASP A 274 -11.21 -11.48 -19.10
CA ASP A 274 -11.32 -10.04 -18.83
C ASP A 274 -11.33 -9.70 -17.33
N LYS A 275 -12.02 -10.52 -16.53
CA LYS A 275 -12.16 -10.30 -15.09
C LYS A 275 -10.80 -10.22 -14.39
N TYR A 276 -9.85 -11.04 -14.84
CA TYR A 276 -8.46 -11.06 -14.32
C TYR A 276 -7.70 -9.83 -14.83
N ILE A 277 -7.87 -9.49 -16.12
CA ILE A 277 -7.22 -8.32 -16.71
C ILE A 277 -7.67 -7.03 -16.03
N ASN A 278 -8.99 -6.86 -15.92
CA ASN A 278 -9.57 -5.65 -15.34
C ASN A 278 -9.26 -5.49 -13.85
N ALA A 279 -9.20 -6.62 -13.13
CA ALA A 279 -8.78 -6.67 -11.74
C ALA A 279 -7.32 -6.26 -11.58
N TYR A 280 -6.50 -6.65 -12.56
CA TYR A 280 -5.05 -6.32 -12.64
C TYR A 280 -4.89 -4.80 -12.80
N TYR A 281 -5.67 -4.18 -13.71
CA TYR A 281 -5.62 -2.72 -13.96
C TYR A 281 -6.01 -1.97 -12.69
N VAL A 282 -7.09 -2.43 -12.03
CA VAL A 282 -7.61 -1.81 -10.81
C VAL A 282 -6.62 -1.97 -9.66
N ALA A 283 -6.09 -3.18 -9.50
CA ALA A 283 -5.11 -3.48 -8.45
C ALA A 283 -3.85 -2.63 -8.58
N ILE A 284 -3.36 -2.45 -9.82
CA ILE A 284 -2.18 -1.63 -10.09
C ILE A 284 -2.43 -0.15 -9.75
N ALA A 285 -3.55 0.39 -10.21
CA ALA A 285 -3.92 1.79 -10.02
C ALA A 285 -4.18 2.14 -8.55
N THR A 286 -4.91 1.25 -7.85
CA THR A 286 -5.30 1.48 -6.47
C THR A 286 -4.12 1.25 -5.52
N ALA A 287 -3.37 0.17 -5.72
CA ALA A 287 -2.18 -0.13 -4.91
C ALA A 287 -1.05 0.86 -5.12
N GLY A 288 -0.99 1.46 -6.33
CA GLY A 288 0.08 2.34 -6.70
C GLY A 288 -0.05 3.80 -6.35
N HIS A 289 -1.29 4.25 -6.06
CA HIS A 289 -1.58 5.66 -5.88
C HIS A 289 -1.44 6.15 -4.42
N ASP A 290 -2.39 5.74 -3.55
CA ASP A 290 -2.45 6.22 -2.17
C ASP A 290 -1.19 5.90 -1.36
N THR A 291 -0.68 4.68 -1.51
CA THR A 291 0.51 4.23 -0.79
C THR A 291 1.69 5.17 -1.07
N THR A 292 1.91 5.49 -2.34
CA THR A 292 3.04 6.31 -2.77
C THR A 292 2.89 7.77 -2.35
N SER A 293 1.66 8.30 -2.46
CA SER A 293 1.33 9.65 -2.02
C SER A 293 1.52 9.77 -0.51
N SER A 294 0.96 8.80 0.22
CA SER A 294 1.06 8.72 1.67
C SER A 294 2.52 8.70 2.15
N SER A 295 3.36 7.90 1.48
CA SER A 295 4.79 7.79 1.84
C SER A 295 5.57 9.07 1.54
N SER A 296 5.21 9.75 0.46
CA SER A 296 5.81 11.04 0.10
C SER A 296 5.49 12.08 1.17
N GLY A 297 4.23 12.07 1.62
CA GLY A 297 3.79 12.93 2.71
C GLY A 297 4.55 12.65 3.99
N GLY A 298 4.78 11.36 4.27
CA GLY A 298 5.58 10.91 5.39
C GLY A 298 6.98 11.51 5.36
N ALA A 299 7.62 11.43 4.18
CA ALA A 299 8.94 12.04 3.95
C ALA A 299 8.97 13.52 4.34
N ILE A 300 7.95 14.27 3.89
CA ILE A 300 7.84 15.70 4.18
C ILE A 300 7.66 15.97 5.68
N ILE A 301 6.85 15.14 6.35
CA ILE A 301 6.70 15.22 7.80
C ILE A 301 8.05 14.98 8.49
N GLY A 302 8.77 13.95 8.03
CA GLY A 302 10.07 13.58 8.57
C GLY A 302 11.08 14.70 8.42
N LEU A 303 11.14 15.29 7.23
CA LEU A 303 12.08 16.37 6.92
C LEU A 303 11.73 17.68 7.60
N SER A 304 10.43 17.95 7.76
CA SER A 304 9.98 19.16 8.46
C SER A 304 10.35 19.14 9.94
N ARG A 305 10.29 17.95 10.56
CA ARG A 305 10.63 17.73 11.99
C ARG A 305 12.14 17.50 12.16
N ASN A 306 12.89 17.32 11.07
CA ASN A 306 14.33 17.13 11.11
C ASN A 306 15.00 17.95 10.00
N PRO A 307 15.08 19.29 10.16
CA PRO A 307 15.64 20.16 9.12
C PRO A 307 17.07 19.83 8.72
N GLU A 308 17.87 19.33 9.67
CA GLU A 308 19.24 18.89 9.42
C GLU A 308 19.30 17.86 8.28
N GLN A 309 18.29 16.99 8.20
CA GLN A 309 18.21 15.93 7.20
C GLN A 309 17.82 16.42 5.81
N LEU A 310 16.99 17.48 5.74
CA LEU A 310 16.71 18.17 4.49
C LEU A 310 18.01 18.75 3.90
N ALA A 311 18.79 19.44 4.74
CA ALA A 311 20.08 20.01 4.34
C ALA A 311 21.02 18.92 3.85
N LEU A 312 20.99 17.77 4.53
CA LEU A 312 21.79 16.59 4.19
C LEU A 312 21.45 16.03 2.80
N ALA A 313 20.14 15.87 2.54
CA ALA A 313 19.63 15.38 1.27
C ALA A 313 19.87 16.35 0.11
N LYS A 314 19.88 17.65 0.41
CA LYS A 314 20.16 18.68 -0.59
C LYS A 314 21.64 18.75 -0.92
N SER A 315 22.50 18.59 0.09
CA SER A 315 23.94 18.61 -0.08
C SER A 315 24.47 17.32 -0.72
N ASP A 316 23.80 16.19 -0.43
CA ASP A 316 24.18 14.87 -0.94
C ASP A 316 22.99 14.16 -1.57
N PRO A 317 22.60 14.49 -2.82
CA PRO A 317 21.42 13.90 -3.45
C PRO A 317 21.49 12.38 -3.64
N ALA A 318 22.68 11.78 -3.48
CA ALA A 318 22.84 10.32 -3.51
C ALA A 318 22.18 9.59 -2.32
N LEU A 319 21.86 10.35 -1.25
CA LEU A 319 21.14 9.82 -0.09
C LEU A 319 19.63 9.63 -0.31
N ILE A 320 19.11 10.19 -1.41
CA ILE A 320 17.67 10.23 -1.64
C ILE A 320 17.00 8.86 -1.65
N PRO A 321 17.59 7.81 -2.30
CA PRO A 321 17.04 6.46 -2.20
C PRO A 321 16.91 5.97 -0.75
N ARG A 322 17.89 6.28 0.11
CA ARG A 322 17.83 5.97 1.56
C ARG A 322 16.70 6.79 2.22
N LEU A 323 16.54 8.05 1.80
CA LEU A 323 15.41 8.88 2.26
C LEU A 323 14.08 8.20 1.90
N VAL A 324 13.98 7.71 0.65
CA VAL A 324 12.77 7.05 0.16
C VAL A 324 12.43 5.80 0.98
N ASP A 325 13.44 4.98 1.27
CA ASP A 325 13.24 3.77 2.09
C ASP A 325 12.82 4.08 3.52
N GLU A 326 13.42 5.11 4.11
CA GLU A 326 13.05 5.54 5.45
C GLU A 326 11.61 6.07 5.50
N ALA A 327 11.20 6.79 4.46
CA ALA A 327 9.84 7.29 4.36
C ALA A 327 8.84 6.14 4.35
N VAL A 328 9.15 5.07 3.60
CA VAL A 328 8.26 3.92 3.53
C VAL A 328 8.21 3.16 4.86
N ARG A 329 9.39 2.91 5.45
CA ARG A 329 9.50 2.24 6.78
C ARG A 329 8.67 3.01 7.80
N TRP A 330 8.96 4.31 7.95
CA TRP A 330 8.44 5.15 9.01
C TRP A 330 6.93 5.41 8.85
N THR A 331 6.50 5.64 7.61
CA THR A 331 5.11 5.89 7.27
C THR A 331 4.29 4.60 7.30
N ALA A 332 4.84 3.54 6.69
CA ALA A 332 4.20 2.23 6.63
C ALA A 332 2.72 2.36 6.27
N PRO A 333 2.39 2.91 5.08
CA PRO A 333 1.01 3.25 4.74
C PRO A 333 0.07 2.04 4.72
N VAL A 334 0.59 0.86 4.33
CA VAL A 334 -0.18 -0.37 4.41
C VAL A 334 -0.04 -0.87 5.84
N LYS A 335 -1.16 -0.84 6.57
CA LYS A 335 -1.20 -1.15 8.00
C LYS A 335 -1.33 -2.64 8.26
N SER A 336 -2.04 -3.34 7.37
CA SER A 336 -2.25 -4.77 7.50
C SER A 336 -2.67 -5.48 6.22
N PHE A 337 -2.28 -6.75 6.12
CA PHE A 337 -2.93 -7.74 5.27
C PHE A 337 -3.18 -8.95 6.18
N MET A 338 -4.13 -9.79 5.77
CA MET A 338 -4.52 -10.97 6.54
C MET A 338 -4.04 -12.24 5.84
N ARG A 339 -3.89 -13.31 6.63
CA ARG A 339 -3.61 -14.69 6.14
C ARG A 339 -4.52 -15.66 6.91
N THR A 340 -4.90 -16.77 6.28
CA THR A 340 -5.56 -17.88 6.96
C THR A 340 -4.64 -19.10 6.98
N ALA A 341 -4.46 -19.68 8.17
CA ALA A 341 -3.72 -20.93 8.35
C ALA A 341 -4.47 -22.09 7.70
N LEU A 342 -3.78 -22.79 6.78
CA LEU A 342 -4.34 -23.94 6.07
C LEU A 342 -4.05 -25.28 6.75
N ALA A 343 -3.14 -25.26 7.73
CA ALA A 343 -2.85 -26.44 8.55
C ALA A 343 -2.40 -25.99 9.93
N ASP A 344 -2.45 -26.94 10.88
CA ASP A 344 -1.90 -26.74 12.21
C ASP A 344 -0.40 -26.55 12.07
N THR A 345 0.14 -25.53 12.75
CA THR A 345 1.54 -25.16 12.61
C THR A 345 2.02 -24.33 13.79
N GLU A 346 3.34 -24.15 13.88
CA GLU A 346 3.98 -23.47 14.99
C GLU A 346 4.78 -22.26 14.51
N VAL A 347 4.50 -21.11 15.13
CA VAL A 347 5.27 -19.88 14.93
C VAL A 347 5.51 -19.27 16.31
N ARG A 348 6.79 -18.95 16.60
CA ARG A 348 7.25 -18.43 17.92
C ARG A 348 6.63 -19.28 19.03
N GLY A 349 6.68 -20.61 18.90
CA GLY A 349 6.17 -21.51 19.92
C GLY A 349 4.67 -21.45 20.19
N GLN A 350 3.91 -20.83 19.28
CA GLN A 350 2.45 -20.77 19.38
C GLN A 350 1.83 -21.81 18.47
N ASN A 351 0.77 -22.47 18.96
CA ASN A 351 0.05 -23.49 18.22
C ASN A 351 -1.10 -22.90 17.41
N ILE A 352 -0.79 -22.53 16.16
CA ILE A 352 -1.78 -21.97 15.23
C ILE A 352 -2.56 -23.11 14.55
N LYS A 353 -3.88 -23.11 14.76
CA LYS A 353 -4.79 -24.13 14.24
C LYS A 353 -5.20 -23.79 12.82
N ARG A 354 -5.47 -24.83 12.03
CA ARG A 354 -6.05 -24.69 10.66
C ARG A 354 -7.32 -23.83 10.77
N GLY A 355 -7.47 -22.85 9.88
CA GLY A 355 -8.62 -21.96 9.90
C GLY A 355 -8.37 -20.65 10.64
N ASP A 356 -7.36 -20.62 11.52
CA ASP A 356 -6.99 -19.42 12.26
C ASP A 356 -6.56 -18.29 11.33
N ARG A 357 -7.13 -17.10 11.58
CA ARG A 357 -6.81 -15.85 10.84
C ARG A 357 -5.59 -15.19 11.48
N ILE A 358 -4.73 -14.57 10.66
CA ILE A 358 -3.54 -13.87 11.15
C ILE A 358 -3.45 -12.48 10.52
N MET A 359 -3.26 -11.47 11.38
CA MET A 359 -3.06 -10.09 10.96
C MET A 359 -1.56 -9.80 10.93
N LEU A 360 -1.07 -9.39 9.75
CA LEU A 360 0.31 -8.99 9.56
C LEU A 360 0.42 -7.48 9.73
N SER A 361 1.02 -7.04 10.85
CA SER A 361 1.26 -5.61 11.10
C SER A 361 2.63 -5.17 10.61
N TYR A 362 2.65 -4.56 9.42
CA TYR A 362 3.86 -3.99 8.78
C TYR A 362 4.39 -2.82 9.60
N PRO A 363 3.52 -1.91 10.11
CA PRO A 363 3.99 -0.84 10.99
C PRO A 363 4.75 -1.35 12.23
N SER A 364 4.23 -2.40 12.89
CA SER A 364 4.86 -2.97 14.07
C SER A 364 6.21 -3.60 13.73
N ALA A 365 6.27 -4.34 12.62
CA ALA A 365 7.51 -4.95 12.14
C ALA A 365 8.56 -3.88 11.86
N ASN A 366 8.10 -2.74 11.34
CA ASN A 366 8.96 -1.60 11.01
C ASN A 366 9.50 -0.80 12.20
N ARG A 367 8.97 -1.07 13.40
CA ARG A 367 9.41 -0.44 14.68
C ARG A 367 9.91 -1.53 15.64
N ASP A 368 10.25 -2.71 15.11
CA ASP A 368 10.73 -3.83 15.92
C ASP A 368 12.17 -3.51 16.37
N GLU A 369 12.37 -3.46 17.68
CA GLU A 369 13.64 -3.04 18.29
C GLU A 369 14.79 -4.03 18.10
N GLU A 370 14.45 -5.30 17.81
CA GLU A 370 15.45 -6.32 17.47
C GLU A 370 16.11 -6.04 16.13
N VAL A 371 15.44 -5.28 15.27
CA VAL A 371 15.92 -4.95 13.93
C VAL A 371 16.38 -3.50 13.79
N PHE A 372 15.58 -2.55 14.29
CA PHE A 372 15.85 -1.12 14.17
C PHE A 372 16.17 -0.48 15.52
N SER A 373 17.26 0.31 15.56
CA SER A 373 17.56 1.17 16.71
C SER A 373 16.78 2.47 16.56
N ASN A 374 16.28 3.00 17.69
CA ASN A 374 15.45 4.20 17.74
C ASN A 374 14.40 4.21 16.63
N PRO A 375 13.48 3.22 16.61
CA PRO A 375 12.56 3.05 15.49
C PRO A 375 11.61 4.22 15.25
N ASP A 376 11.25 4.95 16.29
CA ASP A 376 10.32 6.07 16.16
C ASP A 376 10.93 7.30 15.48
N GLU A 377 12.27 7.34 15.43
CA GLU A 377 12.99 8.43 14.79
C GLU A 377 13.02 8.23 13.29
N PHE A 378 12.74 9.32 12.56
CA PHE A 378 12.92 9.41 11.12
C PHE A 378 14.40 9.73 10.88
N ASP A 379 15.11 8.85 10.18
CA ASP A 379 16.54 9.00 9.91
C ASP A 379 16.89 8.48 8.52
N ILE A 380 17.20 9.41 7.61
CA ILE A 380 17.44 9.08 6.20
C ILE A 380 18.80 8.44 5.91
N THR A 381 19.70 8.43 6.91
CA THR A 381 21.01 7.78 6.80
C THR A 381 20.97 6.31 7.21
N ARG A 382 19.81 5.86 7.69
CA ARG A 382 19.57 4.49 8.18
C ARG A 382 19.90 3.48 7.06
N PHE A 383 20.95 2.69 7.25
CA PHE A 383 21.39 1.68 6.28
C PHE A 383 22.18 0.56 6.96
N PRO A 384 21.83 -0.73 6.76
CA PRO A 384 20.73 -1.12 5.86
C PRO A 384 19.35 -0.79 6.44
N ASN A 385 18.32 -0.81 5.60
CA ASN A 385 16.95 -0.52 6.00
C ASN A 385 16.02 -1.60 5.50
N ARG A 386 16.02 -2.73 6.21
CA ARG A 386 15.29 -3.97 5.86
C ARG A 386 13.87 -3.90 6.44
N HIS A 387 13.09 -2.92 5.98
CA HIS A 387 11.71 -2.72 6.44
C HIS A 387 10.74 -3.59 5.65
N LEU A 388 9.53 -3.76 6.19
CA LEU A 388 8.48 -4.56 5.58
C LEU A 388 7.30 -3.72 5.11
N GLY A 389 7.58 -2.46 4.75
CA GLY A 389 6.58 -1.56 4.18
C GLY A 389 5.99 -2.05 2.88
N PHE A 390 6.79 -2.78 2.09
CA PHE A 390 6.36 -3.45 0.86
C PHE A 390 6.00 -4.92 1.10
N GLY A 391 5.92 -5.32 2.37
CA GLY A 391 5.71 -6.70 2.75
C GLY A 391 6.93 -7.56 2.52
N TRP A 392 6.69 -8.89 2.42
CA TRP A 392 7.74 -9.87 2.25
C TRP A 392 7.13 -11.22 1.88
N GLY A 393 7.80 -11.93 0.96
CA GLY A 393 7.39 -13.27 0.55
C GLY A 393 6.68 -13.28 -0.78
N ALA A 394 5.71 -14.20 -0.92
CA ALA A 394 5.06 -14.50 -2.19
C ALA A 394 4.36 -13.31 -2.87
N HIS A 395 3.72 -12.47 -2.05
CA HIS A 395 2.92 -11.33 -2.54
C HIS A 395 3.63 -9.97 -2.46
N MET A 396 4.92 -9.98 -2.09
CA MET A 396 5.70 -8.75 -1.87
C MET A 396 5.47 -7.74 -3.01
N CYS A 397 5.18 -6.50 -2.63
CA CYS A 397 4.76 -5.44 -3.56
C CYS A 397 5.35 -5.57 -4.97
N LEU A 398 4.47 -5.83 -5.94
CA LEU A 398 4.85 -5.92 -7.34
C LEU A 398 5.40 -4.59 -7.84
N GLY A 399 4.84 -3.48 -7.34
CA GLY A 399 5.20 -2.14 -7.78
C GLY A 399 6.37 -1.48 -7.07
N GLN A 400 7.01 -2.20 -6.13
CA GLN A 400 8.01 -1.60 -5.23
C GLN A 400 9.11 -0.82 -5.93
N HIS A 401 9.57 -1.33 -7.07
CA HIS A 401 10.66 -0.70 -7.83
C HIS A 401 10.17 0.52 -8.60
N LEU A 402 8.93 0.47 -9.07
CA LEU A 402 8.30 1.64 -9.66
C LEU A 402 8.09 2.72 -8.59
N ALA A 403 7.60 2.31 -7.41
CA ALA A 403 7.41 3.21 -6.26
C ALA A 403 8.70 3.93 -5.87
N LYS A 404 9.78 3.16 -5.68
CA LYS A 404 11.08 3.69 -5.29
C LYS A 404 11.68 4.62 -6.34
N LEU A 405 11.55 4.26 -7.63
CA LEU A 405 12.04 5.10 -8.72
C LEU A 405 11.32 6.46 -8.78
N GLU A 406 9.98 6.45 -8.70
CA GLU A 406 9.18 7.67 -8.85
C GLU A 406 9.34 8.62 -7.65
N MET A 407 9.40 8.05 -6.44
CA MET A 407 9.67 8.81 -5.23
C MET A 407 11.08 9.42 -5.24
N LYS A 408 12.07 8.62 -5.65
CA LYS A 408 13.45 9.09 -5.83
C LYS A 408 13.48 10.28 -6.78
N ILE A 409 12.95 10.08 -8.00
CA ILE A 409 12.93 11.12 -9.01
C ILE A 409 12.17 12.38 -8.52
N PHE A 410 11.04 12.17 -7.85
CA PHE A 410 10.24 13.28 -7.34
C PHE A 410 11.04 14.14 -6.35
N PHE A 411 11.72 13.50 -5.41
CA PHE A 411 12.49 14.22 -4.40
C PHE A 411 13.77 14.82 -4.96
N GLU A 412 14.33 14.18 -6.01
CA GLU A 412 15.46 14.74 -6.75
C GLU A 412 15.09 16.10 -7.35
N GLU A 413 13.87 16.19 -7.86
CA GLU A 413 13.37 17.42 -8.50
C GLU A 413 12.91 18.47 -7.47
N LEU A 414 12.30 18.00 -6.38
CA LEU A 414 11.74 18.88 -5.35
C LEU A 414 12.79 19.58 -4.49
N LEU A 415 13.67 18.79 -3.87
CA LEU A 415 14.57 19.27 -2.82
C LEU A 415 15.50 20.42 -3.22
N PRO A 416 16.11 20.41 -4.43
CA PRO A 416 16.89 21.55 -4.92
C PRO A 416 16.09 22.87 -4.94
N LYS A 417 14.76 22.79 -5.14
CA LYS A 417 13.90 23.96 -5.24
C LYS A 417 13.44 24.52 -3.88
N LEU A 418 13.68 23.77 -2.81
CA LEU A 418 13.32 24.19 -1.45
C LEU A 418 14.54 24.59 -0.62
N LYS A 419 14.47 25.77 0.00
CA LYS A 419 15.46 26.23 0.97
C LYS A 419 15.13 25.62 2.33
N SER A 420 13.83 25.58 2.65
CA SER A 420 13.34 25.03 3.90
C SER A 420 11.89 24.59 3.73
N VAL A 421 11.46 23.70 4.63
CA VAL A 421 10.07 23.29 4.75
C VAL A 421 9.73 23.02 6.21
N GLU A 422 8.51 23.37 6.61
CA GLU A 422 8.01 23.13 7.95
C GLU A 422 6.50 22.86 7.89
N LEU A 423 6.00 22.18 8.93
CA LEU A 423 4.58 21.95 9.09
C LEU A 423 3.94 23.25 9.57
N SER A 424 2.76 23.57 9.04
CA SER A 424 1.98 24.75 9.46
C SER A 424 0.86 24.37 10.44
N GLY A 425 0.55 23.07 10.50
CA GLY A 425 -0.42 22.51 11.41
C GLY A 425 -0.18 21.01 11.50
N PRO A 426 -0.99 20.26 12.28
CA PRO A 426 -0.78 18.83 12.45
C PRO A 426 -1.16 18.07 11.18
N PRO A 427 -0.38 17.04 10.77
CA PRO A 427 -0.81 16.16 9.67
C PRO A 427 -2.09 15.44 10.06
N ARG A 428 -2.97 15.15 9.09
CA ARG A 428 -4.19 14.33 9.28
C ARG A 428 -3.96 12.97 8.62
N LEU A 429 -4.02 11.90 9.43
CA LEU A 429 -3.83 10.54 8.97
C LEU A 429 -5.19 9.93 8.70
N VAL A 430 -5.25 9.02 7.73
CA VAL A 430 -6.47 8.29 7.42
C VAL A 430 -6.78 7.33 8.58
N ALA A 431 -8.05 7.32 9.00
CA ALA A 431 -8.53 6.39 10.02
C ALA A 431 -8.90 5.07 9.34
N THR A 432 -7.88 4.23 9.14
CA THR A 432 -8.08 2.94 8.49
C THR A 432 -7.05 1.94 8.97
N ASN A 433 -7.46 0.67 9.05
CA ASN A 433 -6.58 -0.43 9.37
C ASN A 433 -6.04 -1.15 8.14
N PHE A 434 -6.28 -0.57 6.95
CA PHE A 434 -5.77 -1.13 5.70
C PHE A 434 -4.70 -0.21 5.07
N VAL A 435 -5.11 0.71 4.19
CA VAL A 435 -4.18 1.63 3.53
C VAL A 435 -4.43 3.05 4.01
N GLY A 436 -3.52 3.56 4.85
CA GLY A 436 -3.66 4.84 5.50
C GLY A 436 -2.41 5.68 5.40
N GLY A 437 -2.02 6.30 6.52
CA GLY A 437 -0.96 7.29 6.55
C GLY A 437 -1.48 8.68 6.22
N PRO A 438 -0.59 9.66 5.96
CA PRO A 438 -0.97 11.05 5.78
C PRO A 438 -1.96 11.30 4.62
N LYS A 439 -3.04 12.04 4.89
CA LYS A 439 -3.97 12.51 3.86
C LYS A 439 -3.85 14.01 3.63
N ASN A 440 -3.59 14.75 4.71
CA ASN A 440 -3.33 16.20 4.67
C ASN A 440 -2.04 16.51 5.41
N VAL A 441 -1.15 17.27 4.75
CA VAL A 441 0.10 17.72 5.33
C VAL A 441 0.26 19.20 5.05
N PRO A 442 -0.42 20.08 5.82
CA PRO A 442 -0.23 21.52 5.70
C PRO A 442 1.23 21.91 5.95
N ILE A 443 1.82 22.66 5.00
CA ILE A 443 3.21 23.07 5.10
C ILE A 443 3.40 24.53 4.73
N ARG A 444 4.54 25.06 5.15
CA ARG A 444 5.10 26.34 4.65
C ARG A 444 6.52 26.05 4.16
N PHE A 445 6.95 26.73 3.07
CA PHE A 445 8.26 26.50 2.50
C PHE A 445 8.85 27.79 1.97
N THR A 446 10.20 27.82 1.89
CA THR A 446 10.96 28.89 1.28
C THR A 446 11.61 28.33 0.02
N LYS A 447 11.43 29.04 -1.09
CA LYS A 447 11.97 28.63 -2.39
C LYS A 447 13.46 28.94 -2.42
N ALA A 448 14.24 27.99 -2.96
CA ALA A 448 15.69 28.14 -3.12
C ALA A 448 15.99 29.06 -4.30
CHA HEM B . 1.20 -5.44 -2.83
CHB HEM B . 2.93 -1.77 -0.21
CHC HEM B . 3.47 0.85 -4.28
CHD HEM B . 1.30 -2.66 -6.80
C1A HEM B . 1.65 -4.68 -1.79
C2A HEM B . 1.73 -5.12 -0.44
C3A HEM B . 2.21 -4.09 0.29
C4A HEM B . 2.43 -3.00 -0.58
CMA HEM B . 2.46 -4.15 1.78
CAA HEM B . 1.38 -6.48 0.10
CBA HEM B . 2.68 -7.32 0.11
CGA HEM B . 2.53 -8.66 0.79
O1A HEM B . 1.41 -9.19 0.98
O2A HEM B . 3.56 -9.26 1.18
C1B HEM B . 3.23 -0.74 -1.12
C2B HEM B . 3.81 0.50 -0.72
C3B HEM B . 3.97 1.26 -1.86
C4B HEM B . 3.47 0.41 -2.96
CMB HEM B . 4.16 0.88 0.70
CAB HEM B . 4.55 2.62 -2.05
CBB HEM B . 5.19 3.32 -1.12
C1C HEM B . 2.92 0.13 -5.32
C2C HEM B . 2.88 0.56 -6.67
C3C HEM B . 2.24 -0.45 -7.39
C4C HEM B . 1.92 -1.48 -6.46
CMC HEM B . 3.42 1.88 -7.18
CAC HEM B . 1.94 -0.53 -8.85
CBC HEM B . 2.30 0.38 -9.75
C1D HEM B . 1.12 -3.70 -5.89
C2D HEM B . 0.50 -4.97 -6.30
C3D HEM B . 0.48 -5.75 -5.20
C4D HEM B . 1.09 -4.96 -4.12
CMD HEM B . -0.01 -5.36 -7.66
CAD HEM B . -0.06 -7.15 -5.12
CBD HEM B . 1.03 -8.16 -5.50
CGD HEM B . 0.60 -9.58 -5.24
O1D HEM B . -0.49 -9.80 -4.65
O2D HEM B . 1.30 -10.54 -5.61
NA HEM B . 2.08 -3.37 -1.86
NB HEM B . 3.05 -0.76 -2.46
NC HEM B . 2.35 -1.09 -5.21
ND HEM B . 1.44 -3.73 -4.58
FE HEM B . 2.26 -2.37 -3.56
C01 XGE C . -1.10 -2.42 -1.66
C02 XGE C . -2.39 -2.92 -2.31
C03 XGE C . -2.39 -4.26 -3.18
C04 XGE C . -3.58 -4.61 -3.89
C05 XGE C . -4.95 -4.18 -3.06
C06 XGE C . -4.94 -2.82 -2.85
C07 XGE C . -3.66 -2.34 -1.93
C08 XGE C . -6.23 -4.68 -3.80
C09 XGE C . -7.41 -4.77 -2.82
C10 XGE C . -6.61 -3.77 -4.97
O11 XGE C . -6.02 -5.96 -4.32
C1 EDO D . -13.08 -7.32 -24.65
O1 EDO D . -13.68 -7.04 -23.42
C2 EDO D . -11.65 -7.69 -24.52
O2 EDO D . -11.45 -9.06 -24.21
C1 EDO E . 13.15 -2.49 1.17
O1 EDO E . 13.21 -1.47 0.18
C2 EDO E . 12.47 -3.72 0.69
O2 EDO E . 13.37 -4.69 0.18
C1 EDO F . 4.34 8.03 10.58
O1 EDO F . 3.93 6.80 11.16
C2 EDO F . 3.26 8.71 9.84
O2 EDO F . 3.15 10.08 10.15
C1 EDO G . -9.67 -8.10 -3.65
O1 EDO G . -9.55 -9.41 -3.13
C2 EDO G . -10.39 -7.16 -2.75
O2 EDO G . -11.45 -7.77 -2.04
C1 EDO H . -12.95 -2.06 9.34
O1 EDO H . -12.20 -3.21 9.72
C2 EDO H . -13.86 -2.32 8.20
O2 EDO H . -14.69 -3.44 8.40
C1 EDO I . 9.40 32.37 0.17
O1 EDO I . 10.20 31.85 -0.87
C2 EDO I . 7.95 32.38 -0.14
O2 EDO I . 7.59 31.44 -1.14
C1 EDO J . 4.89 6.66 19.80
O1 EDO J . 5.91 5.69 19.75
C2 EDO J . 4.60 7.26 18.47
O2 EDO J . 5.77 7.62 17.77
C1 EDO K . -10.11 -9.24 -29.18
O1 EDO K . -10.32 -8.56 -27.96
C2 EDO K . -9.53 -8.36 -30.24
O2 EDO K . -8.51 -8.99 -30.97
C1 EDO L . 10.89 11.86 14.52
O1 EDO L . 12.11 11.96 13.81
C2 EDO L . 9.88 12.84 14.05
O2 EDO L . 8.56 12.52 14.46
C1 EDO M . -16.99 -3.05 1.82
O1 EDO M . -18.11 -2.46 1.19
C2 EDO M . -16.91 -4.52 1.60
O2 EDO M . -16.13 -4.87 0.48
#